data_9P0A
#
_entry.id   9P0A
#
_cell.length_a   1.00
_cell.length_b   1.00
_cell.length_c   1.00
_cell.angle_alpha   90.00
_cell.angle_beta   90.00
_cell.angle_gamma   90.00
#
_symmetry.space_group_name_H-M   'P 1'
#
_entity_poly.entity_id   1
_entity_poly.type   'polypeptide(L)'
_entity_poly.pdbx_seq_one_letter_code
;MKMNRRNVLVGLGTIVAGGGAALGTGAFSSVEADRTVSVAVAGDASSALAFDTSDSNGNQYSDASSITNGTLELAFDSLG
NSSGINLGAKTTFSPLFRTINNGSNNVNLSIYSSEGTIQTSPTILDSYNAVIENTINDGNGNSLTIEYAFTDENDNSIVG
DGTNGSSVSLDATGGSDPNEEVSLVIGVADPGSSFDPSTTISGYLSEVTIVASSV
;
_entity_poly.pdbx_strand_id   C,D,E
#
# COMPACT_ATOMS: atom_id res chain seq x y z
N PHE A 28 73.28 -30.29 23.82
CA PHE A 28 74.78 -30.18 23.82
C PHE A 28 75.37 -31.31 22.99
N SER A 29 75.38 -31.13 21.67
CA SER A 29 75.87 -32.15 20.75
C SER A 29 75.07 -33.44 20.88
N SER A 30 73.76 -33.31 21.05
CA SER A 30 72.88 -34.46 21.18
C SER A 30 71.44 -33.99 20.91
N VAL A 31 70.52 -34.94 20.94
CA VAL A 31 69.11 -34.69 20.67
C VAL A 31 68.27 -35.34 21.76
N GLU A 32 67.09 -34.75 22.01
CA GLU A 32 66.12 -35.27 22.96
C GLU A 32 64.77 -35.41 22.28
N ALA A 33 63.98 -36.37 22.74
CA ALA A 33 62.70 -36.68 22.12
C ALA A 33 61.61 -36.91 23.15
N ASP A 34 61.59 -36.10 24.21
CA ASP A 34 60.54 -36.21 25.22
C ASP A 34 59.29 -35.47 24.78
N ARG A 35 58.59 -36.01 23.78
CA ARG A 35 57.42 -35.36 23.19
C ARG A 35 56.27 -36.34 23.06
N THR A 36 55.10 -35.92 23.53
CA THR A 36 53.83 -36.50 23.11
C THR A 36 52.67 -35.67 23.62
N VAL A 37 51.76 -35.28 22.72
CA VAL A 37 50.57 -34.54 23.09
C VAL A 37 49.51 -34.80 22.04
N SER A 38 48.28 -35.03 22.49
CA SER A 38 47.22 -35.51 21.61
C SER A 38 46.50 -34.35 20.93
N VAL A 39 45.76 -34.69 19.87
CA VAL A 39 44.93 -33.74 19.14
C VAL A 39 43.55 -34.35 18.98
N ALA A 40 42.51 -33.57 19.29
CA ALA A 40 41.13 -33.99 19.15
C ALA A 40 40.39 -32.95 18.33
N VAL A 41 39.55 -33.43 17.41
CA VAL A 41 38.84 -32.56 16.46
C VAL A 41 37.34 -32.80 16.59
N ALA A 42 36.58 -31.71 16.65
CA ALA A 42 35.12 -31.78 16.66
C ALA A 42 34.60 -30.56 15.93
N GLY A 43 33.76 -30.79 14.91
CA GLY A 43 33.37 -29.72 14.02
C GLY A 43 32.27 -28.82 14.51
N ASP A 44 31.52 -29.22 15.54
CA ASP A 44 30.29 -28.53 15.91
C ASP A 44 30.38 -27.84 17.26
N ALA A 45 30.67 -28.56 18.35
CA ALA A 45 30.48 -28.01 19.68
C ALA A 45 31.72 -28.08 20.56
N SER A 46 32.46 -29.19 20.50
CA SER A 46 33.56 -29.40 21.42
C SER A 46 34.81 -28.60 21.05
N SER A 47 34.81 -27.90 19.93
CA SER A 47 35.95 -27.07 19.56
C SER A 47 36.10 -25.91 20.53
N ALA A 48 37.29 -25.30 20.52
CA ALA A 48 37.54 -24.15 21.37
C ALA A 48 36.53 -23.05 21.13
N LEU A 49 36.20 -22.80 19.86
CA LEU A 49 35.16 -21.88 19.46
C LEU A 49 34.10 -22.64 18.69
N ALA A 50 32.84 -22.44 19.06
CA ALA A 50 31.76 -23.27 18.52
C ALA A 50 30.51 -22.41 18.28
N PHE A 51 29.52 -23.02 17.65
CA PHE A 51 28.27 -22.38 17.29
C PHE A 51 27.11 -23.33 17.53
N ASP A 52 26.01 -22.79 18.06
CA ASP A 52 24.84 -23.59 18.40
C ASP A 52 23.59 -22.86 17.95
N THR A 53 22.48 -23.60 17.88
CA THR A 53 21.28 -23.06 17.22
C THR A 53 19.97 -23.35 17.94
N SER A 54 19.99 -24.12 19.03
CA SER A 54 18.72 -24.49 19.67
C SER A 54 18.92 -24.68 21.17
N ASP A 55 17.80 -24.80 21.88
CA ASP A 55 17.81 -24.91 23.34
C ASP A 55 16.63 -25.76 23.80
N SER A 56 16.70 -26.16 25.07
CA SER A 56 15.80 -27.20 25.59
C SER A 56 14.38 -26.69 25.75
N ASN A 57 13.43 -27.62 25.64
CA ASN A 57 12.01 -27.39 25.92
C ASN A 57 11.50 -26.12 25.26
N GLY A 58 12.16 -25.68 24.20
CA GLY A 58 11.85 -24.40 23.60
C GLY A 58 11.82 -24.43 22.09
N ASN A 59 12.56 -23.54 21.46
CA ASN A 59 12.53 -23.39 20.01
C ASN A 59 13.94 -23.41 19.46
N GLN A 60 14.06 -23.86 18.21
CA GLN A 60 15.24 -23.56 17.44
C GLN A 60 15.26 -22.07 17.11
N TYR A 61 16.44 -21.44 17.19
CA TYR A 61 16.51 -20.00 17.00
C TYR A 61 15.93 -19.60 15.66
N SER A 62 16.38 -20.23 14.58
CA SER A 62 15.81 -20.02 13.26
C SER A 62 16.47 -20.99 12.30
N ASP A 63 15.77 -21.30 11.21
CA ASP A 63 16.28 -22.19 10.18
C ASP A 63 17.06 -21.45 9.11
N ALA A 64 17.30 -20.15 9.30
CA ALA A 64 18.14 -19.41 8.35
C ALA A 64 19.54 -20.00 8.27
N SER A 65 20.01 -20.66 9.33
CA SER A 65 21.31 -21.32 9.31
C SER A 65 21.15 -22.64 10.05
N SER A 66 20.95 -23.72 9.30
CA SER A 66 20.71 -25.01 9.90
C SER A 66 21.96 -25.51 10.63
N ILE A 67 21.77 -26.58 11.41
CA ILE A 67 22.88 -27.12 12.19
C ILE A 67 24.02 -27.51 11.25
N THR A 68 25.25 -27.25 11.70
CA THR A 68 26.42 -27.51 10.87
C THR A 68 26.51 -28.97 10.45
N ASN A 69 26.82 -29.18 9.18
CA ASN A 69 27.04 -30.51 8.62
C ASN A 69 28.48 -30.97 8.81
N GLY A 70 29.19 -30.43 9.80
CA GLY A 70 30.64 -30.41 9.82
C GLY A 70 31.21 -29.04 9.51
N THR A 71 30.45 -28.22 8.79
CA THR A 71 30.73 -26.79 8.66
C THR A 71 29.39 -26.07 8.68
N LEU A 72 29.40 -24.86 9.23
CA LEU A 72 28.17 -24.11 9.46
C LEU A 72 27.88 -23.24 8.24
N GLU A 73 26.64 -23.32 7.75
CA GLU A 73 26.24 -22.68 6.50
C GLU A 73 25.07 -21.74 6.74
N LEU A 74 24.99 -20.71 5.90
CA LEU A 74 23.85 -19.80 5.85
C LEU A 74 23.07 -20.09 4.57
N ALA A 75 21.75 -20.23 4.71
CA ALA A 75 20.92 -20.81 3.66
C ALA A 75 19.75 -19.90 3.27
N PHE A 76 20.01 -18.61 3.04
CA PHE A 76 18.93 -17.71 2.64
C PHE A 76 18.40 -18.05 1.26
N ASP A 77 19.23 -18.66 0.41
CA ASP A 77 18.84 -18.89 -0.98
C ASP A 77 17.62 -19.80 -1.11
N SER A 78 17.40 -20.68 -0.13
CA SER A 78 16.41 -21.74 -0.24
C SER A 78 15.48 -21.73 0.97
N LEU A 79 14.94 -20.55 1.30
CA LEU A 79 14.01 -20.45 2.42
C LEU A 79 12.74 -21.25 2.20
N GLY A 80 12.44 -21.66 0.99
CA GLY A 80 11.24 -22.41 0.70
C GLY A 80 10.09 -21.52 0.26
N ASN A 81 9.35 -21.95 -0.76
CA ASN A 81 8.30 -21.13 -1.35
C ASN A 81 8.82 -19.76 -1.77
N SER A 82 10.13 -19.67 -1.99
CA SER A 82 10.78 -18.40 -2.27
C SER A 82 12.03 -18.65 -3.08
N SER A 83 12.48 -17.61 -3.79
CA SER A 83 13.72 -17.70 -4.55
C SER A 83 14.73 -16.68 -4.02
N GLY A 84 14.74 -16.46 -2.71
CA GLY A 84 15.72 -15.60 -2.10
C GLY A 84 15.17 -14.41 -1.36
N ILE A 85 15.80 -13.25 -1.55
CA ILE A 85 15.52 -12.05 -0.77
C ILE A 85 14.76 -11.04 -1.62
N ASN A 86 14.00 -10.19 -0.95
CA ASN A 86 13.22 -9.17 -1.65
C ASN A 86 14.12 -8.01 -2.08
N LEU A 87 13.88 -7.50 -3.29
CA LEU A 87 14.63 -6.36 -3.77
C LEU A 87 14.14 -5.07 -3.13
N GLY A 88 15.05 -4.10 -3.03
CA GLY A 88 14.68 -2.79 -2.51
C GLY A 88 14.07 -2.83 -1.13
N ALA A 89 14.68 -3.57 -0.21
CA ALA A 89 14.12 -3.73 1.13
C ALA A 89 15.24 -3.95 2.13
N LYS A 90 14.99 -3.51 3.37
CA LYS A 90 15.90 -3.75 4.48
C LYS A 90 15.55 -5.08 5.12
N THR A 91 15.94 -6.16 4.43
CA THR A 91 15.66 -7.51 4.89
C THR A 91 16.48 -7.81 6.13
N THR A 92 15.85 -7.79 7.30
CA THR A 92 16.51 -8.05 8.57
C THR A 92 16.07 -9.41 9.11
N PHE A 93 17.00 -10.15 9.68
CA PHE A 93 16.76 -11.52 10.09
C PHE A 93 16.87 -11.69 11.60
N SER A 94 16.55 -12.90 12.06
CA SER A 94 16.41 -13.25 13.46
C SER A 94 17.79 -13.29 14.14
N PRO A 95 17.84 -13.54 15.46
CA PRO A 95 19.14 -13.52 16.16
C PRO A 95 20.19 -14.43 15.55
N LEU A 96 19.78 -15.42 14.76
CA LEU A 96 20.73 -16.29 14.09
C LEU A 96 21.61 -17.04 15.07
N PHE A 97 22.74 -17.56 14.59
CA PHE A 97 23.57 -18.45 15.40
C PHE A 97 24.14 -17.73 16.61
N ARG A 98 24.27 -18.48 17.71
CA ARG A 98 25.07 -18.05 18.85
C ARG A 98 26.52 -18.50 18.68
N THR A 99 27.36 -18.07 19.60
CA THR A 99 28.77 -18.45 19.61
C THR A 99 29.15 -19.01 20.97
N ILE A 100 29.94 -20.07 20.96
CA ILE A 100 30.32 -20.78 22.17
C ILE A 100 31.84 -20.86 22.23
N ASN A 101 32.38 -20.69 23.44
CA ASN A 101 33.82 -20.74 23.65
C ASN A 101 34.13 -21.71 24.77
N ASN A 102 35.24 -22.45 24.61
CA ASN A 102 35.75 -23.34 25.64
C ASN A 102 37.22 -23.09 25.93
N GLY A 103 37.80 -22.03 25.38
CA GLY A 103 39.20 -21.70 25.58
C GLY A 103 39.43 -20.91 26.85
N SER A 104 40.61 -20.30 26.93
CA SER A 104 41.04 -19.60 28.14
C SER A 104 40.76 -18.09 28.08
N ASN A 105 41.31 -17.41 27.09
CA ASN A 105 41.40 -15.95 27.12
C ASN A 105 40.16 -15.30 26.53
N ASN A 106 39.83 -14.12 27.03
CA ASN A 106 38.79 -13.31 26.42
C ASN A 106 39.20 -12.93 25.01
N VAL A 107 38.22 -12.90 24.11
CA VAL A 107 38.48 -12.69 22.69
C VAL A 107 37.54 -11.64 22.13
N ASN A 108 37.99 -10.96 21.09
CA ASN A 108 37.13 -10.08 20.32
C ASN A 108 36.67 -10.81 19.06
N LEU A 109 35.36 -10.83 18.83
CA LEU A 109 34.75 -11.61 17.76
C LEU A 109 34.32 -10.69 16.64
N SER A 110 34.67 -11.05 15.41
CA SER A 110 34.37 -10.20 14.26
C SER A 110 34.25 -11.06 13.01
N ILE A 111 33.57 -10.51 12.01
CA ILE A 111 33.37 -11.14 10.71
C ILE A 111 33.90 -10.17 9.67
N TYR A 112 34.93 -10.58 8.91
CA TYR A 112 35.52 -9.71 7.89
C TYR A 112 35.31 -10.21 6.47
N SER A 113 34.65 -11.35 6.27
CA SER A 113 34.10 -11.74 4.97
C SER A 113 35.14 -11.58 3.86
N SER A 114 36.15 -12.44 3.90
CA SER A 114 37.27 -12.34 2.96
C SER A 114 36.81 -12.13 1.53
N GLU A 115 35.81 -12.89 1.08
CA GLU A 115 35.38 -12.79 -0.32
C GLU A 115 34.82 -11.41 -0.65
N GLY A 116 34.05 -10.82 0.26
CA GLY A 116 33.44 -9.53 0.01
C GLY A 116 34.41 -8.39 0.25
N THR A 117 33.84 -7.20 0.42
CA THR A 117 34.61 -5.98 0.64
C THR A 117 34.04 -5.23 1.84
N ILE A 118 34.92 -4.50 2.51
CA ILE A 118 34.53 -3.73 3.69
C ILE A 118 34.15 -2.32 3.25
N GLN A 119 33.00 -1.85 3.72
CA GLN A 119 32.53 -0.50 3.45
C GLN A 119 32.06 0.14 4.74
N THR A 120 32.24 1.46 4.83
CA THR A 120 31.81 2.26 5.96
C THR A 120 30.78 3.28 5.50
N SER A 121 29.97 3.77 6.43
CA SER A 121 28.87 4.66 6.09
C SER A 121 28.01 4.01 5.02
N PRO A 122 27.21 3.01 5.39
CA PRO A 122 26.50 2.22 4.37
C PRO A 122 25.67 3.10 3.44
N THR A 123 25.48 2.60 2.21
CA THR A 123 24.71 3.31 1.20
C THR A 123 23.23 2.95 1.22
N ILE A 124 22.88 1.74 1.68
CA ILE A 124 21.50 1.32 1.80
C ILE A 124 21.07 1.18 3.26
N LEU A 125 21.86 0.48 4.07
CA LEU A 125 21.61 0.35 5.50
C LEU A 125 22.25 1.51 6.28
N ASP A 126 21.97 2.75 5.88
CA ASP A 126 22.79 3.89 6.25
C ASP A 126 22.90 4.10 7.76
N SER A 127 21.94 3.64 8.55
CA SER A 127 22.00 3.88 9.99
C SER A 127 23.20 3.19 10.61
N TYR A 128 23.52 1.98 10.17
CA TYR A 128 24.57 1.19 10.79
C TYR A 128 25.94 1.79 10.51
N ASN A 129 26.93 1.29 11.26
CA ASN A 129 28.28 1.88 11.18
C ASN A 129 29.05 1.36 9.97
N ALA A 130 29.30 0.05 9.92
CA ALA A 130 30.09 -0.54 8.85
C ALA A 130 29.41 -1.81 8.37
N VAL A 131 29.72 -2.21 7.14
CA VAL A 131 29.00 -3.28 6.45
C VAL A 131 29.96 -4.11 5.61
N ILE A 132 29.45 -5.24 5.14
CA ILE A 132 30.09 -6.03 4.09
C ILE A 132 29.30 -5.76 2.80
N GLU A 133 30.02 -5.38 1.74
CA GLU A 133 29.40 -4.92 0.51
C GLU A 133 29.67 -5.91 -0.62
N ASN A 134 28.66 -6.09 -1.47
CA ASN A 134 28.77 -6.92 -2.66
C ASN A 134 27.90 -6.31 -3.74
N THR A 135 28.27 -6.58 -5.00
CA THR A 135 27.52 -6.06 -6.13
C THR A 135 27.58 -7.06 -7.27
N ILE A 136 26.57 -7.01 -8.14
CA ILE A 136 26.36 -8.00 -9.18
C ILE A 136 25.63 -7.35 -10.35
N ASN A 137 25.55 -8.07 -11.47
CA ASN A 137 25.01 -7.52 -12.70
C ASN A 137 24.24 -8.61 -13.45
N ASP A 138 23.64 -8.20 -14.57
CA ASP A 138 22.75 -9.07 -15.34
C ASP A 138 23.42 -9.73 -16.53
N GLY A 139 24.43 -9.10 -17.12
CA GLY A 139 25.04 -9.56 -18.35
C GLY A 139 24.59 -8.80 -19.58
N ASN A 140 23.30 -8.50 -19.70
CA ASN A 140 22.78 -7.48 -20.60
C ASN A 140 22.13 -6.39 -19.76
N GLY A 141 22.76 -6.11 -18.62
CA GLY A 141 22.29 -5.16 -17.63
C GLY A 141 23.37 -5.03 -16.58
N ASN A 142 23.30 -4.01 -15.73
CA ASN A 142 24.46 -3.66 -14.91
C ASN A 142 24.11 -3.50 -13.41
N SER A 143 25.04 -2.92 -12.66
CA SER A 143 25.18 -3.14 -11.23
C SER A 143 23.85 -3.27 -10.49
N LEU A 144 23.79 -4.27 -9.61
CA LEU A 144 22.82 -4.35 -8.52
C LEU A 144 23.61 -4.39 -7.22
N THR A 145 23.21 -3.57 -6.25
CA THR A 145 23.98 -3.38 -5.02
C THR A 145 23.29 -4.06 -3.85
N ILE A 146 24.08 -4.66 -2.97
CA ILE A 146 23.58 -5.39 -1.81
C ILE A 146 24.55 -5.16 -0.65
N GLU A 147 24.04 -5.33 0.57
CA GLU A 147 24.81 -4.97 1.76
C GLU A 147 24.42 -5.90 2.91
N TYR A 148 25.32 -6.05 3.88
CA TYR A 148 25.13 -6.94 5.02
C TYR A 148 25.66 -6.30 6.29
N ALA A 149 25.21 -6.81 7.43
CA ALA A 149 25.73 -6.39 8.72
C ALA A 149 25.14 -7.27 9.82
N PHE A 150 25.94 -7.50 10.86
CA PHE A 150 25.51 -8.24 12.03
C PHE A 150 25.42 -7.31 13.23
N THR A 151 24.55 -7.63 14.18
CA THR A 151 24.32 -6.70 15.30
C THR A 151 24.77 -7.27 16.66
N ASP A 152 24.16 -8.37 17.11
CA ASP A 152 24.49 -8.93 18.41
C ASP A 152 24.30 -7.86 19.48
N GLU A 153 25.01 -7.97 20.61
CA GLU A 153 24.92 -6.95 21.64
C GLU A 153 25.45 -5.65 21.09
N ASN A 154 24.82 -4.54 21.47
CA ASN A 154 25.22 -3.22 20.98
C ASN A 154 24.72 -2.98 19.56
N ASP A 155 24.31 -4.05 18.89
CA ASP A 155 23.88 -3.93 17.49
C ASP A 155 25.02 -3.42 16.64
N ASN A 156 26.25 -3.51 17.16
CA ASN A 156 27.41 -3.06 16.42
C ASN A 156 27.57 -3.98 15.23
N SER A 157 28.09 -3.47 14.13
CA SER A 157 28.22 -4.29 12.92
C SER A 157 28.95 -5.60 13.17
N ILE A 158 29.95 -5.62 14.05
CA ILE A 158 30.77 -6.81 14.27
C ILE A 158 31.40 -7.21 12.94
N VAL A 159 31.59 -6.24 12.04
CA VAL A 159 32.14 -6.53 10.73
C VAL A 159 33.67 -6.48 10.76
N GLY A 160 34.28 -7.58 11.16
CA GLY A 160 35.66 -7.86 10.84
C GLY A 160 36.68 -7.00 11.55
N ASP A 161 37.94 -7.33 11.25
CA ASP A 161 39.10 -6.56 11.67
C ASP A 161 39.78 -5.97 10.45
N GLY A 162 39.92 -4.66 10.42
CA GLY A 162 40.54 -3.96 9.31
C GLY A 162 41.30 -2.77 9.82
N THR A 163 41.19 -1.65 9.09
CA THR A 163 41.77 -0.41 9.59
C THR A 163 41.19 -0.06 10.95
N ASN A 164 39.88 -0.19 11.10
CA ASN A 164 39.21 -0.17 12.39
C ASN A 164 38.33 -1.39 12.60
N GLY A 165 37.72 -1.91 11.53
CA GLY A 165 36.87 -3.05 11.65
C GLY A 165 35.71 -2.77 12.59
N SER A 166 35.23 -3.83 13.23
CA SER A 166 34.17 -3.72 14.23
C SER A 166 34.09 -5.04 14.99
N SER A 167 34.08 -4.98 16.31
CA SER A 167 34.26 -6.17 17.12
C SER A 167 33.44 -6.06 18.40
N VAL A 168 33.33 -7.20 19.09
CA VAL A 168 32.64 -7.30 20.37
C VAL A 168 33.44 -8.24 21.25
N SER A 169 33.30 -8.07 22.56
CA SER A 169 34.07 -8.81 23.55
C SER A 169 33.37 -10.11 23.91
N LEU A 170 34.16 -11.13 24.25
CA LEU A 170 33.65 -12.46 24.52
C LEU A 170 34.53 -13.13 25.55
N ASP A 171 33.91 -13.85 26.49
CA ASP A 171 34.62 -14.49 27.58
C ASP A 171 34.83 -15.98 27.30
N ALA A 172 35.91 -16.53 27.85
CA ALA A 172 36.33 -17.89 27.58
C ALA A 172 36.60 -18.62 28.89
N THR A 173 36.63 -19.96 28.79
CA THR A 173 36.72 -20.81 29.97
C THR A 173 35.67 -20.41 30.99
N GLY A 174 34.43 -20.30 30.53
CA GLY A 174 33.32 -19.99 31.40
C GLY A 174 33.49 -18.70 32.16
N GLY A 175 33.73 -18.81 33.46
CA GLY A 175 33.73 -17.67 34.35
C GLY A 175 32.31 -17.27 34.68
N SER A 176 31.64 -16.57 33.77
CA SER A 176 30.20 -16.40 33.86
C SER A 176 29.50 -16.98 32.63
N ASP A 177 29.83 -16.46 31.44
CA ASP A 177 29.17 -16.86 30.22
C ASP A 177 29.74 -16.06 29.06
N PRO A 178 29.65 -16.57 27.82
CA PRO A 178 30.00 -15.74 26.66
C PRO A 178 29.03 -14.59 26.41
N ASN A 179 27.75 -14.75 26.74
CA ASN A 179 26.68 -13.79 26.44
C ASN A 179 26.79 -13.25 25.00
N GLU A 180 26.72 -14.17 24.05
CA GLU A 180 26.80 -13.83 22.62
C GLU A 180 25.64 -14.44 21.84
N GLU A 181 25.14 -13.66 20.88
CA GLU A 181 24.21 -14.15 19.87
C GLU A 181 24.26 -13.16 18.71
N VAL A 182 24.67 -13.63 17.54
CA VAL A 182 24.99 -12.74 16.42
C VAL A 182 23.83 -12.66 15.44
N SER A 183 23.08 -11.56 15.50
CA SER A 183 22.01 -11.33 14.54
C SER A 183 22.58 -10.77 13.23
N LEU A 184 21.69 -10.59 12.25
CA LEU A 184 22.09 -10.24 10.89
C LEU A 184 21.04 -9.34 10.25
N VAL A 185 21.49 -8.48 9.34
CA VAL A 185 20.61 -7.65 8.52
C VAL A 185 21.12 -7.71 7.08
N ILE A 186 20.20 -7.77 6.13
CA ILE A 186 20.52 -7.83 4.70
C ILE A 186 19.78 -6.70 4.01
N GLY A 187 20.53 -5.81 3.36
CA GLY A 187 19.93 -4.73 2.60
C GLY A 187 20.23 -4.88 1.12
N VAL A 188 19.25 -4.55 0.29
CA VAL A 188 19.37 -4.62 -1.16
C VAL A 188 18.80 -3.35 -1.77
N ALA A 189 19.46 -2.84 -2.81
CA ALA A 189 19.05 -1.59 -3.43
C ALA A 189 17.76 -1.79 -4.21
N ASP A 190 17.30 -0.70 -4.85
CA ASP A 190 16.05 -0.71 -5.60
C ASP A 190 16.23 -0.05 -6.96
N PRO A 191 17.02 -0.64 -7.85
CA PRO A 191 17.22 -0.05 -9.17
C PRO A 191 16.00 -0.21 -10.07
N GLY A 192 15.43 0.91 -10.52
CA GLY A 192 14.30 0.86 -11.41
C GLY A 192 14.65 0.54 -12.85
N SER A 193 15.94 0.55 -13.19
CA SER A 193 16.39 0.20 -14.53
C SER A 193 17.86 -0.22 -14.42
N SER A 194 18.43 -0.60 -15.56
CA SER A 194 19.79 -1.12 -15.67
C SER A 194 19.94 -2.47 -14.97
N PHE A 195 18.84 -3.16 -14.68
CA PHE A 195 18.88 -4.43 -13.99
C PHE A 195 17.53 -5.12 -14.17
N ASP A 196 17.54 -6.45 -14.07
CA ASP A 196 16.32 -7.23 -14.19
C ASP A 196 16.50 -8.54 -13.44
N PRO A 197 15.50 -8.96 -12.66
CA PRO A 197 15.60 -10.29 -12.03
C PRO A 197 15.69 -11.41 -13.05
N SER A 198 15.17 -11.20 -14.26
CA SER A 198 15.14 -12.25 -15.26
C SER A 198 16.55 -12.69 -15.63
N THR A 199 16.69 -13.99 -15.92
CA THR A 199 17.93 -14.53 -16.46
C THR A 199 19.07 -14.40 -15.47
N THR A 200 20.30 -14.62 -15.93
CA THR A 200 21.43 -14.87 -15.03
C THR A 200 21.68 -13.71 -14.08
N ILE A 201 21.98 -14.05 -12.83
CA ILE A 201 22.57 -13.14 -11.87
C ILE A 201 23.85 -13.80 -11.36
N SER A 202 24.99 -13.15 -11.59
CA SER A 202 26.27 -13.78 -11.30
C SER A 202 26.41 -14.08 -9.80
N GLY A 203 27.47 -14.80 -9.47
CA GLY A 203 27.66 -15.33 -8.14
C GLY A 203 27.63 -14.33 -7.01
N TYR A 204 26.99 -14.71 -5.91
CA TYR A 204 26.94 -13.86 -4.72
C TYR A 204 28.11 -14.18 -3.79
N LEU A 205 28.03 -13.67 -2.57
CA LEU A 205 29.12 -13.83 -1.61
C LEU A 205 29.19 -15.25 -1.09
N SER A 206 30.40 -15.66 -0.70
CA SER A 206 30.61 -16.90 0.04
C SER A 206 31.82 -16.72 0.96
N GLU A 207 32.06 -17.68 1.85
CA GLU A 207 33.22 -17.65 2.73
C GLU A 207 33.21 -16.42 3.63
N VAL A 208 32.22 -16.37 4.53
CA VAL A 208 32.15 -15.30 5.52
C VAL A 208 33.04 -15.70 6.70
N THR A 209 34.31 -15.31 6.64
CA THR A 209 35.29 -15.75 7.64
C THR A 209 34.98 -15.16 9.00
N ILE A 210 35.42 -15.86 10.05
CA ILE A 210 35.16 -15.47 11.43
C ILE A 210 36.49 -15.41 12.16
N VAL A 211 36.65 -14.40 13.01
CA VAL A 211 37.87 -14.22 13.79
C VAL A 211 37.50 -14.06 15.26
N ALA A 212 38.19 -14.81 16.13
CA ALA A 212 38.10 -14.66 17.57
C ALA A 212 39.54 -14.58 18.11
N SER A 213 40.08 -13.38 18.13
CA SER A 213 41.49 -13.16 18.42
C SER A 213 41.70 -12.70 19.85
N SER A 214 42.97 -12.64 20.25
CA SER A 214 43.33 -12.20 21.58
C SER A 214 43.18 -10.68 21.70
N VAL A 215 43.09 -10.22 22.94
CA VAL A 215 43.02 -8.78 23.21
C VAL A 215 43.91 -8.45 24.40
N PHE B 28 40.22 -19.34 20.32
CA PHE B 28 41.32 -19.36 21.33
C PHE B 28 42.64 -18.99 20.66
N SER B 29 42.84 -17.70 20.42
CA SER B 29 44.05 -17.20 19.77
C SER B 29 44.21 -17.80 18.36
N SER B 30 43.12 -17.82 17.60
CA SER B 30 43.16 -18.41 16.28
C SER B 30 41.98 -17.91 15.46
N VAL B 31 42.17 -17.92 14.13
CA VAL B 31 41.08 -17.60 13.21
C VAL B 31 40.43 -18.90 12.72
N GLU B 32 39.14 -18.82 12.42
CA GLU B 32 38.38 -19.97 11.96
C GLU B 32 37.55 -19.57 10.75
N ALA B 33 37.96 -20.00 9.57
CA ALA B 33 37.19 -19.79 8.35
C ALA B 33 36.15 -20.89 8.12
N ASP B 34 35.25 -21.07 9.08
CA ASP B 34 34.33 -22.20 9.13
C ASP B 34 33.02 -21.98 8.37
N ARG B 35 32.84 -21.03 7.46
CA ARG B 35 31.50 -20.67 7.00
C ARG B 35 31.41 -20.63 5.48
N THR B 36 30.18 -20.83 5.00
CA THR B 36 29.81 -20.62 3.61
C THR B 36 28.37 -20.13 3.59
N VAL B 37 28.00 -19.43 2.52
CA VAL B 37 26.69 -18.80 2.45
C VAL B 37 26.23 -18.79 0.99
N SER B 38 24.91 -18.87 0.81
CA SER B 38 24.28 -18.77 -0.49
C SER B 38 23.13 -17.77 -0.39
N VAL B 39 23.07 -16.84 -1.34
CA VAL B 39 22.06 -15.80 -1.35
C VAL B 39 21.47 -15.70 -2.75
N ALA B 40 20.18 -15.38 -2.81
CA ALA B 40 19.48 -15.17 -4.07
C ALA B 40 18.50 -14.02 -3.90
N VAL B 41 18.13 -13.42 -5.02
CA VAL B 41 17.17 -12.31 -5.04
C VAL B 41 16.10 -12.58 -6.06
N ALA B 42 14.85 -12.31 -5.68
CA ALA B 42 13.71 -12.43 -6.57
C ALA B 42 12.68 -11.39 -6.16
N GLY B 43 12.23 -10.58 -7.13
CA GLY B 43 11.47 -9.40 -6.79
C GLY B 43 9.96 -9.54 -6.87
N ASP B 44 9.46 -10.52 -7.61
CA ASP B 44 8.05 -10.46 -8.02
C ASP B 44 7.15 -11.48 -7.33
N ALA B 45 7.44 -12.77 -7.49
CA ALA B 45 6.48 -13.81 -7.14
C ALA B 45 7.06 -14.91 -6.27
N SER B 46 8.35 -14.85 -5.95
CA SER B 46 8.96 -15.89 -5.13
C SER B 46 10.00 -15.28 -4.19
N SER B 47 9.59 -14.96 -2.96
CA SER B 47 10.47 -14.36 -1.98
C SER B 47 9.92 -14.67 -0.59
N ALA B 48 10.69 -14.27 0.43
CA ALA B 48 10.23 -14.44 1.80
C ALA B 48 8.91 -13.74 2.02
N LEU B 49 8.66 -12.66 1.29
CA LEU B 49 7.38 -11.94 1.36
C LEU B 49 7.14 -11.37 -0.03
N ALA B 50 6.10 -11.87 -0.70
CA ALA B 50 5.88 -11.59 -2.11
C ALA B 50 4.52 -10.93 -2.34
N PHE B 51 4.42 -10.23 -3.46
CA PHE B 51 3.22 -9.53 -3.87
C PHE B 51 2.93 -9.92 -5.32
N ASP B 52 1.70 -10.33 -5.59
CA ASP B 52 1.43 -11.08 -6.81
C ASP B 52 0.01 -10.77 -7.30
N THR B 53 -0.26 -11.19 -8.53
CA THR B 53 -1.62 -11.17 -9.09
C THR B 53 -1.72 -12.42 -9.96
N SER B 54 -2.14 -13.53 -9.35
CA SER B 54 -2.10 -14.84 -9.98
C SER B 54 -3.40 -15.58 -9.69
N ASP B 55 -4.54 -14.90 -9.88
CA ASP B 55 -5.81 -15.43 -9.42
C ASP B 55 -6.05 -16.85 -9.93
N SER B 56 -6.32 -17.00 -11.22
CA SER B 56 -6.84 -18.28 -11.69
C SER B 56 -6.88 -18.30 -13.21
N ASN B 57 -7.43 -19.39 -13.73
CA ASN B 57 -7.67 -19.60 -15.16
C ASN B 57 -8.70 -18.63 -15.72
N GLY B 58 -9.25 -17.76 -14.88
CA GLY B 58 -10.37 -16.94 -15.30
C GLY B 58 -10.18 -15.44 -15.30
N ASN B 59 -9.34 -14.89 -14.43
CA ASN B 59 -9.32 -13.45 -14.24
C ASN B 59 -8.02 -13.02 -13.55
N GLN B 60 -7.91 -11.70 -13.35
CA GLN B 60 -6.79 -11.09 -12.63
C GLN B 60 -7.34 -9.92 -11.81
N TYR B 61 -6.58 -9.50 -10.81
CA TYR B 61 -7.05 -8.52 -9.82
C TYR B 61 -6.83 -7.08 -10.29
N SER B 62 -7.65 -6.67 -11.26
CA SER B 62 -7.79 -5.26 -11.61
C SER B 62 -6.51 -4.66 -12.16
N ASP B 63 -6.62 -3.49 -12.79
CA ASP B 63 -5.49 -2.81 -13.42
C ASP B 63 -4.86 -1.73 -12.54
N ALA B 64 -5.37 -1.53 -11.32
CA ALA B 64 -4.88 -0.43 -10.50
C ALA B 64 -3.41 -0.58 -10.14
N SER B 65 -2.88 -1.80 -10.13
CA SER B 65 -1.46 -2.02 -9.77
C SER B 65 -0.93 -3.12 -10.70
N SER B 66 -0.19 -2.71 -11.71
CA SER B 66 0.35 -3.66 -12.67
C SER B 66 1.45 -4.50 -12.04
N ILE B 67 1.82 -5.58 -12.74
CA ILE B 67 2.86 -6.48 -12.25
C ILE B 67 4.15 -5.71 -12.03
N THR B 68 4.85 -6.04 -10.95
CA THR B 68 6.08 -5.33 -10.61
C THR B 68 7.14 -5.49 -11.69
N ASN B 69 7.87 -4.41 -11.94
CA ASN B 69 8.98 -4.40 -12.89
C ASN B 69 10.31 -4.73 -12.24
N GLY B 70 10.29 -5.36 -11.07
CA GLY B 70 11.41 -5.36 -10.14
C GLY B 70 11.09 -4.65 -8.85
N THR B 71 10.16 -3.69 -8.89
CA THR B 71 9.56 -3.12 -7.70
C THR B 71 8.10 -2.83 -8.02
N LEU B 72 7.20 -3.27 -7.15
CA LEU B 72 5.78 -3.10 -7.38
C LEU B 72 5.42 -1.62 -7.34
N GLU B 73 4.49 -1.23 -8.19
CA GLU B 73 4.11 0.17 -8.36
C GLU B 73 2.60 0.31 -8.33
N LEU B 74 2.14 1.44 -7.78
CA LEU B 74 0.74 1.79 -7.76
C LEU B 74 0.50 2.89 -8.78
N ALA B 75 -0.52 2.72 -9.64
CA ALA B 75 -0.69 3.52 -10.83
C ALA B 75 -2.04 4.25 -10.88
N PHE B 76 -2.46 4.88 -9.78
CA PHE B 76 -3.71 5.64 -9.86
C PHE B 76 -3.54 6.94 -10.63
N ASP B 77 -2.31 7.32 -10.98
CA ASP B 77 -2.09 8.59 -11.65
C ASP B 77 -2.96 8.71 -12.90
N SER B 78 -3.14 7.61 -13.63
CA SER B 78 -3.94 7.63 -14.84
C SER B 78 -4.68 6.30 -14.97
N LEU B 79 -5.92 6.39 -15.47
CA LEU B 79 -6.71 5.22 -15.82
C LEU B 79 -7.21 5.45 -17.24
N GLY B 80 -6.39 5.07 -18.22
CA GLY B 80 -6.73 5.27 -19.61
C GLY B 80 -7.12 6.70 -19.91
N ASN B 81 -8.40 6.91 -20.20
CA ASN B 81 -8.88 8.23 -20.59
C ASN B 81 -8.89 9.22 -19.43
N SER B 82 -8.82 8.75 -18.20
CA SER B 82 -9.00 9.59 -17.02
C SER B 82 -7.66 10.03 -16.45
N SER B 83 -7.58 11.32 -16.09
CA SER B 83 -6.38 11.88 -15.46
C SER B 83 -6.54 11.92 -13.93
N GLY B 84 -6.74 10.74 -13.34
CA GLY B 84 -6.63 10.61 -11.90
C GLY B 84 -7.97 10.40 -11.22
N ILE B 85 -8.20 11.17 -10.15
CA ILE B 85 -9.26 10.88 -9.19
C ILE B 85 -10.26 12.03 -9.16
N ASN B 86 -11.47 11.72 -8.72
CA ASN B 86 -12.51 12.74 -8.58
C ASN B 86 -12.30 13.56 -7.32
N LEU B 87 -12.46 14.88 -7.43
CA LEU B 87 -12.42 15.74 -6.27
C LEU B 87 -13.76 15.71 -5.53
N GLY B 88 -13.68 15.98 -4.23
CA GLY B 88 -14.89 16.04 -3.41
C GLY B 88 -15.73 14.78 -3.48
N ALA B 89 -15.09 13.62 -3.41
CA ALA B 89 -15.79 12.36 -3.53
C ALA B 89 -14.94 11.25 -2.93
N LYS B 90 -15.56 10.09 -2.76
CA LYS B 90 -14.90 8.89 -2.26
C LYS B 90 -14.69 7.94 -3.42
N THR B 91 -13.47 7.45 -3.58
CA THR B 91 -13.11 6.54 -4.67
C THR B 91 -12.59 5.24 -4.07
N THR B 92 -13.51 4.33 -3.78
CA THR B 92 -13.13 3.00 -3.32
C THR B 92 -12.56 2.21 -4.49
N PHE B 93 -11.63 1.29 -4.17
CA PHE B 93 -10.95 0.50 -5.18
C PHE B 93 -11.04 -0.98 -4.87
N SER B 94 -10.83 -1.79 -5.91
CA SER B 94 -11.01 -3.24 -5.90
C SER B 94 -9.99 -3.89 -4.97
N PRO B 95 -10.05 -5.22 -4.78
CA PRO B 95 -9.14 -5.88 -3.84
C PRO B 95 -7.66 -5.50 -3.98
N LEU B 96 -7.26 -4.96 -5.14
CA LEU B 96 -5.88 -4.53 -5.32
C LEU B 96 -4.91 -5.68 -5.12
N PHE B 97 -3.62 -5.38 -5.00
CA PHE B 97 -2.60 -6.41 -4.94
C PHE B 97 -2.78 -7.29 -3.71
N ARG B 98 -2.33 -8.53 -3.83
CA ARG B 98 -2.34 -9.49 -2.74
C ARG B 98 -0.97 -9.55 -2.08
N THR B 99 -0.88 -10.28 -0.98
CA THR B 99 0.37 -10.44 -0.25
C THR B 99 0.59 -11.93 0.04
N ILE B 100 1.85 -12.34 -0.06
CA ILE B 100 2.25 -13.73 0.19
C ILE B 100 3.43 -13.72 1.15
N ASN B 101 3.34 -14.55 2.19
CA ASN B 101 4.40 -14.70 3.18
C ASN B 101 4.96 -16.11 3.10
N ASN B 102 6.27 -16.23 3.33
CA ASN B 102 6.94 -17.52 3.30
C ASN B 102 7.95 -17.68 4.44
N GLY B 103 7.92 -16.82 5.44
CA GLY B 103 8.80 -16.92 6.59
C GLY B 103 8.22 -17.81 7.67
N SER B 104 9.10 -18.32 8.52
CA SER B 104 8.72 -19.25 9.57
C SER B 104 8.20 -18.52 10.81
N ASN B 105 7.24 -17.62 10.62
CA ASN B 105 6.63 -16.89 11.72
C ASN B 105 5.29 -16.33 11.29
N ASN B 106 4.33 -16.34 12.21
CA ASN B 106 3.10 -15.58 12.01
C ASN B 106 3.42 -14.10 12.17
N VAL B 107 3.13 -13.32 11.12
CA VAL B 107 3.61 -11.96 11.01
C VAL B 107 2.43 -11.01 10.90
N ASN B 108 2.57 -9.83 11.50
CA ASN B 108 1.55 -8.79 11.44
C ASN B 108 1.87 -7.90 10.25
N LEU B 109 1.14 -8.10 9.14
CA LEU B 109 1.35 -7.31 7.94
C LEU B 109 0.70 -5.94 8.12
N SER B 110 1.45 -4.88 7.79
CA SER B 110 0.97 -3.53 8.00
C SER B 110 1.56 -2.61 6.94
N ILE B 111 0.90 -1.47 6.71
CA ILE B 111 1.25 -0.53 5.65
C ILE B 111 1.26 0.88 6.22
N TYR B 112 2.30 1.65 5.92
CA TYR B 112 2.30 3.07 6.23
C TYR B 112 3.33 3.77 5.36
N SER B 113 2.94 4.93 4.83
CA SER B 113 3.85 5.70 3.99
C SER B 113 4.79 6.55 4.83
N SER B 114 6.06 6.57 4.45
CA SER B 114 7.04 7.41 5.13
C SER B 114 6.98 8.86 4.67
N GLU B 115 6.32 9.14 3.55
CA GLU B 115 6.21 10.49 3.04
C GLU B 115 5.02 11.25 3.61
N GLY B 116 3.91 10.57 3.86
CA GLY B 116 2.75 11.20 4.44
C GLY B 116 2.79 11.21 5.95
N THR B 117 1.65 11.03 6.60
CA THR B 117 1.59 11.01 8.05
C THR B 117 0.37 10.21 8.50
N ILE B 118 0.47 9.65 9.70
CA ILE B 118 -0.65 8.90 10.26
C ILE B 118 -1.67 9.87 10.83
N GLN B 119 -2.95 9.60 10.56
CA GLN B 119 -4.04 10.38 11.11
C GLN B 119 -5.13 9.43 11.60
N THR B 120 -5.83 9.85 12.64
CA THR B 120 -6.89 9.06 13.26
C THR B 120 -8.20 9.86 13.22
N SER B 121 -9.32 9.14 13.19
CA SER B 121 -10.63 9.78 13.09
C SER B 121 -10.67 10.61 11.82
N PRO B 122 -10.75 9.97 10.66
CA PRO B 122 -10.51 10.70 9.40
C PRO B 122 -11.49 11.84 9.20
N THR B 123 -11.02 12.89 8.54
CA THR B 123 -11.85 14.06 8.26
C THR B 123 -12.73 13.87 7.03
N ILE B 124 -12.31 13.06 6.07
CA ILE B 124 -13.10 12.78 4.88
C ILE B 124 -13.56 11.33 4.83
N LEU B 125 -12.76 10.41 5.35
CA LEU B 125 -13.05 8.97 5.40
C LEU B 125 -13.49 8.54 6.79
N ASP B 126 -14.35 9.33 7.43
CA ASP B 126 -14.58 9.24 8.87
C ASP B 126 -15.09 7.88 9.35
N SER B 127 -15.31 6.93 8.43
CA SER B 127 -15.75 5.60 8.84
C SER B 127 -14.61 4.83 9.49
N TYR B 128 -13.50 4.66 8.77
CA TYR B 128 -12.41 3.84 9.26
C TYR B 128 -11.69 4.50 10.44
N ASN B 129 -10.90 3.70 11.15
CA ASN B 129 -10.25 4.17 12.36
C ASN B 129 -9.12 5.15 12.06
N ALA B 130 -8.27 4.81 11.09
CA ALA B 130 -7.08 5.62 10.82
C ALA B 130 -6.76 5.54 9.33
N VAL B 131 -5.96 6.51 8.87
CA VAL B 131 -5.62 6.65 7.46
C VAL B 131 -4.19 7.16 7.34
N ILE B 132 -3.70 7.16 6.10
CA ILE B 132 -2.48 7.87 5.75
C ILE B 132 -2.88 9.22 5.17
N GLU B 133 -2.61 10.30 5.90
CA GLU B 133 -3.06 11.62 5.52
C GLU B 133 -2.02 12.31 4.65
N ASN B 134 -2.49 12.91 3.56
CA ASN B 134 -1.66 13.71 2.67
C ASN B 134 -2.41 14.98 2.31
N THR B 135 -1.66 16.05 2.04
CA THR B 135 -2.25 17.33 1.69
C THR B 135 -1.36 18.01 0.66
N ILE B 136 -1.98 18.86 -0.16
CA ILE B 136 -1.30 19.52 -1.28
C ILE B 136 -1.98 20.86 -1.51
N ASN B 137 -1.37 21.68 -2.39
CA ASN B 137 -1.85 23.02 -2.64
C ASN B 137 -1.57 23.41 -4.07
N ASP B 138 -2.24 24.47 -4.52
CA ASP B 138 -2.17 24.88 -5.92
C ASP B 138 -0.89 25.67 -6.20
N GLY B 139 -0.53 26.60 -5.32
CA GLY B 139 0.57 27.52 -5.52
C GLY B 139 0.13 28.96 -5.55
N ASN B 140 -0.99 29.24 -6.21
CA ASN B 140 -1.76 30.45 -5.96
C ASN B 140 -3.10 30.10 -5.30
N GLY B 141 -3.25 28.84 -4.91
CA GLY B 141 -4.38 28.41 -4.10
C GLY B 141 -3.91 27.42 -3.06
N ASN B 142 -4.50 27.55 -1.88
CA ASN B 142 -3.97 26.95 -0.66
C ASN B 142 -4.58 25.56 -0.46
N SER B 143 -4.52 24.99 0.74
CA SER B 143 -4.57 23.54 0.96
C SER B 143 -5.69 22.83 0.21
N LEU B 144 -5.39 21.59 -0.18
CA LEU B 144 -6.38 20.57 -0.55
C LEU B 144 -6.02 19.32 0.22
N THR B 145 -7.03 18.68 0.83
CA THR B 145 -6.80 17.59 1.77
C THR B 145 -7.24 16.27 1.16
N ILE B 146 -6.55 15.18 1.53
CA ILE B 146 -6.81 13.86 1.00
C ILE B 146 -6.36 12.82 2.02
N GLU B 147 -7.00 11.66 2.00
CA GLU B 147 -6.70 10.56 2.91
C GLU B 147 -6.69 9.23 2.17
N TYR B 148 -5.91 8.28 2.66
CA TYR B 148 -5.79 6.95 2.09
C TYR B 148 -5.98 5.90 3.18
N ALA B 149 -6.71 4.83 2.85
CA ALA B 149 -6.92 3.72 3.77
C ALA B 149 -6.85 2.40 3.02
N PHE B 150 -6.12 1.44 3.59
CA PHE B 150 -6.02 0.08 3.07
C PHE B 150 -6.83 -0.83 3.99
N THR B 151 -7.84 -1.50 3.43
CA THR B 151 -8.80 -2.24 4.25
C THR B 151 -8.66 -3.76 4.35
N ASP B 152 -7.70 -4.37 3.66
CA ASP B 152 -7.46 -5.81 3.81
C ASP B 152 -8.63 -6.70 3.41
N GLU B 153 -8.73 -7.90 3.99
CA GLU B 153 -9.78 -8.85 3.61
C GLU B 153 -11.11 -8.70 4.36
N ASN B 154 -11.23 -7.68 5.21
CA ASN B 154 -12.46 -7.54 6.02
C ASN B 154 -12.81 -6.08 6.30
N ASP B 155 -12.33 -5.16 5.46
CA ASP B 155 -12.63 -3.73 5.60
C ASP B 155 -11.98 -3.09 6.83
N ASN B 156 -11.01 -3.77 7.44
CA ASN B 156 -10.28 -3.19 8.56
C ASN B 156 -9.13 -2.35 8.02
N SER B 157 -8.91 -1.17 8.59
CA SER B 157 -7.91 -0.25 8.06
C SER B 157 -6.52 -0.66 8.54
N ILE B 158 -5.70 -1.17 7.62
CA ILE B 158 -4.27 -1.34 7.89
C ILE B 158 -3.56 -0.02 7.64
N VAL B 159 -2.97 0.54 8.69
CA VAL B 159 -2.30 1.82 8.60
C VAL B 159 -0.91 1.74 9.24
N GLY B 160 -0.35 0.55 9.29
CA GLY B 160 1.05 0.37 9.62
C GLY B 160 1.30 0.16 11.10
N ASP B 161 2.54 0.43 11.49
CA ASP B 161 2.98 0.33 12.87
C ASP B 161 3.29 1.73 13.39
N GLY B 162 2.62 2.13 14.46
CA GLY B 162 2.87 3.40 15.09
C GLY B 162 2.74 3.29 16.60
N THR B 163 2.17 4.30 17.25
CA THR B 163 1.84 4.15 18.66
C THR B 163 0.86 3.00 18.86
N ASN B 164 -0.13 2.89 17.99
CA ASN B 164 -0.99 1.71 17.90
C ASN B 164 -1.02 1.12 16.49
N GLY B 165 -1.04 1.97 15.46
CA GLY B 165 -1.07 1.48 14.11
C GLY B 165 -2.24 0.54 13.88
N SER B 166 -2.07 -0.36 12.91
CA SER B 166 -3.07 -1.37 12.64
C SER B 166 -2.42 -2.44 11.76
N SER B 167 -2.76 -3.70 12.02
CA SER B 167 -2.12 -4.81 11.34
C SER B 167 -3.06 -6.01 11.35
N VAL B 168 -2.70 -7.02 10.56
CA VAL B 168 -3.48 -8.24 10.42
C VAL B 168 -2.54 -9.44 10.51
N SER B 169 -3.08 -10.58 10.90
CA SER B 169 -2.29 -11.77 11.10
C SER B 169 -1.95 -12.43 9.77
N LEU B 170 -1.13 -13.49 9.84
CA LEU B 170 -0.69 -14.21 8.65
C LEU B 170 -0.23 -15.60 9.06
N ASP B 171 0.15 -16.39 8.06
CA ASP B 171 0.66 -17.74 8.27
C ASP B 171 2.15 -17.80 7.96
N ALA B 172 2.84 -18.70 8.66
CA ALA B 172 4.29 -18.83 8.55
C ALA B 172 4.65 -19.61 7.29
N THR B 173 5.91 -20.01 7.17
CA THR B 173 6.40 -20.78 6.03
C THR B 173 5.45 -21.94 5.73
N GLY B 174 4.80 -21.88 4.57
CA GLY B 174 3.87 -22.92 4.19
C GLY B 174 2.53 -22.74 4.87
N GLY B 175 2.49 -23.02 6.18
CA GLY B 175 1.24 -22.91 6.91
C GLY B 175 0.14 -23.66 6.18
N SER B 176 -1.07 -23.10 6.21
CA SER B 176 -2.14 -23.63 5.38
C SER B 176 -2.82 -22.54 4.58
N ASP B 177 -3.03 -21.37 5.19
CA ASP B 177 -3.83 -20.29 4.59
C ASP B 177 -3.17 -18.94 4.84
N PRO B 178 -2.43 -18.42 3.86
CA PRO B 178 -2.00 -17.01 3.95
C PRO B 178 -3.18 -16.05 4.02
N ASN B 179 -4.30 -16.46 3.42
CA ASN B 179 -5.60 -15.78 3.55
C ASN B 179 -5.46 -14.27 3.68
N GLU B 180 -4.87 -13.65 2.65
CA GLU B 180 -4.63 -12.21 2.68
C GLU B 180 -4.83 -11.59 1.30
N GLU B 181 -5.52 -10.46 1.28
CA GLU B 181 -5.60 -9.59 0.11
C GLU B 181 -5.96 -8.20 0.61
N VAL B 182 -5.27 -7.19 0.08
CA VAL B 182 -5.32 -5.84 0.67
C VAL B 182 -6.16 -4.91 -0.19
N SER B 183 -7.37 -4.60 0.27
CA SER B 183 -8.22 -3.64 -0.41
C SER B 183 -7.76 -2.21 -0.08
N LEU B 184 -8.41 -1.24 -0.73
CA LEU B 184 -7.98 0.15 -0.65
C LEU B 184 -9.17 1.09 -0.81
N VAL B 185 -9.03 2.30 -0.29
CA VAL B 185 -10.00 3.38 -0.49
C VAL B 185 -9.23 4.69 -0.56
N ILE B 186 -9.68 5.58 -1.44
CA ILE B 186 -9.10 6.92 -1.58
C ILE B 186 -10.22 7.94 -1.38
N GLY B 187 -9.99 8.89 -0.48
CA GLY B 187 -10.94 9.96 -0.22
C GLY B 187 -10.28 11.32 -0.39
N VAL B 188 -10.96 12.20 -1.14
CA VAL B 188 -10.44 13.53 -1.44
C VAL B 188 -11.51 14.55 -1.05
N ALA B 189 -11.11 15.62 -0.38
CA ALA B 189 -12.05 16.64 0.05
C ALA B 189 -12.47 17.51 -1.13
N ASP B 190 -13.51 18.32 -0.89
CA ASP B 190 -14.03 19.19 -1.93
C ASP B 190 -13.43 20.59 -1.81
N PRO B 191 -13.02 21.20 -2.92
CA PRO B 191 -12.46 22.57 -2.86
C PRO B 191 -13.57 23.60 -2.88
N GLY B 192 -13.68 24.37 -1.80
CA GLY B 192 -14.72 25.38 -1.75
C GLY B 192 -14.47 26.55 -2.67
N SER B 193 -13.52 27.42 -2.30
CA SER B 193 -13.10 28.50 -3.19
C SER B 193 -11.62 28.80 -3.03
N SER B 194 -10.85 27.87 -2.47
CA SER B 194 -9.45 28.10 -2.14
C SER B 194 -8.52 27.13 -2.85
N PHE B 195 -8.88 26.65 -4.03
CA PHE B 195 -8.07 25.67 -4.74
C PHE B 195 -8.71 25.44 -6.11
N ASP B 196 -7.88 25.06 -7.07
CA ASP B 196 -8.35 24.84 -8.43
C ASP B 196 -7.51 23.75 -9.08
N PRO B 197 -8.13 22.87 -9.87
CA PRO B 197 -7.31 21.90 -10.62
C PRO B 197 -6.36 22.55 -11.60
N SER B 198 -6.66 23.77 -12.03
CA SER B 198 -5.85 24.44 -13.04
C SER B 198 -4.40 24.59 -12.58
N THR B 199 -3.49 24.43 -13.51
CA THR B 199 -2.06 24.70 -13.29
C THR B 199 -1.53 23.73 -12.22
N THR B 200 -0.52 24.15 -11.47
CA THR B 200 0.31 23.22 -10.72
C THR B 200 -0.45 22.56 -9.58
N ILE B 201 -0.11 21.30 -9.32
CA ILE B 201 -0.46 20.60 -8.09
C ILE B 201 0.82 19.94 -7.61
N SER B 202 1.33 20.38 -6.45
CA SER B 202 2.61 19.90 -5.98
C SER B 202 2.56 18.39 -5.73
N GLY B 203 3.74 17.82 -5.51
CA GLY B 203 3.92 16.37 -5.46
C GLY B 203 3.01 15.63 -4.50
N TYR B 204 2.51 14.47 -4.94
CA TYR B 204 1.68 13.62 -4.10
C TYR B 204 2.55 12.64 -3.32
N LEU B 205 1.90 11.66 -2.71
CA LEU B 205 2.59 10.69 -1.87
C LEU B 205 3.47 9.76 -2.71
N SER B 206 4.45 9.16 -2.04
CA SER B 206 5.27 8.10 -2.63
C SER B 206 5.86 7.24 -1.53
N GLU B 207 6.52 6.15 -1.91
CA GLU B 207 7.22 5.28 -0.95
C GLU B 207 6.27 4.77 0.14
N VAL B 208 5.31 3.96 -0.30
CA VAL B 208 4.38 3.32 0.62
C VAL B 208 5.05 2.09 1.22
N THR B 209 5.69 2.25 2.38
CA THR B 209 6.45 1.17 2.99
C THR B 209 5.52 0.11 3.57
N ILE B 210 6.09 -1.05 3.89
CA ILE B 210 5.34 -2.21 4.37
C ILE B 210 6.17 -2.93 5.41
N VAL B 211 5.51 -3.43 6.46
CA VAL B 211 6.15 -4.17 7.54
C VAL B 211 5.42 -5.48 7.74
N ALA B 212 6.18 -6.57 7.92
CA ALA B 212 5.64 -7.90 8.19
C ALA B 212 6.43 -8.49 9.35
N SER B 213 6.60 -7.68 10.40
CA SER B 213 7.49 -8.03 11.50
C SER B 213 6.96 -9.24 12.26
N SER B 214 7.76 -9.68 13.23
CA SER B 214 7.39 -10.83 14.05
C SER B 214 6.42 -10.41 15.14
N VAL B 215 5.43 -11.25 15.40
CA VAL B 215 4.47 -11.00 16.46
C VAL B 215 4.92 -11.70 17.73
N PHE C 28 9.78 -12.43 6.53
CA PHE C 28 10.47 -13.22 7.60
C PHE C 28 11.17 -12.28 8.58
N SER C 29 10.44 -11.83 9.60
CA SER C 29 10.97 -10.99 10.66
C SER C 29 11.58 -9.70 10.13
N SER C 30 11.00 -9.11 9.08
CA SER C 30 11.65 -8.00 8.40
C SER C 30 10.64 -7.02 7.83
N VAL C 31 11.17 -5.86 7.43
CA VAL C 31 10.41 -4.80 6.78
C VAL C 31 10.71 -4.85 5.29
N GLU C 32 9.80 -4.29 4.48
CA GLU C 32 9.96 -4.24 3.04
C GLU C 32 9.43 -2.90 2.55
N ALA C 33 10.29 -2.13 1.87
CA ALA C 33 9.97 -0.77 1.44
C ALA C 33 10.11 -0.58 -0.07
N ASP C 34 9.69 -1.56 -0.87
CA ASP C 34 9.91 -1.49 -2.30
C ASP C 34 8.79 -0.79 -3.07
N ARG C 35 7.75 -0.31 -2.39
CA ARG C 35 6.60 0.23 -3.10
C ARG C 35 6.78 1.70 -3.47
N THR C 36 6.06 2.10 -4.51
CA THR C 36 6.02 3.47 -4.99
C THR C 36 4.65 3.69 -5.61
N VAL C 37 4.25 4.97 -5.70
CA VAL C 37 2.90 5.31 -6.14
C VAL C 37 2.91 6.69 -6.79
N SER C 38 2.00 6.87 -7.75
CA SER C 38 1.75 8.16 -8.36
C SER C 38 0.25 8.40 -8.40
N VAL C 39 -0.17 9.61 -8.04
CA VAL C 39 -1.58 9.95 -7.96
C VAL C 39 -1.80 11.28 -8.67
N ALA C 40 -3.04 11.47 -9.13
CA ALA C 40 -3.43 12.70 -9.80
C ALA C 40 -4.90 12.97 -9.51
N VAL C 41 -5.28 14.25 -9.59
CA VAL C 41 -6.65 14.69 -9.35
C VAL C 41 -7.12 15.52 -10.53
N ALA C 42 -8.33 15.23 -11.00
CA ALA C 42 -8.95 15.99 -12.08
C ALA C 42 -10.43 16.13 -11.75
N GLY C 43 -10.89 17.39 -11.64
CA GLY C 43 -12.22 17.64 -11.12
C GLY C 43 -13.32 17.63 -12.15
N ASP C 44 -13.01 17.90 -13.42
CA ASP C 44 -14.06 18.24 -14.37
C ASP C 44 -14.29 17.21 -15.46
N ALA C 45 -13.26 16.91 -16.26
CA ALA C 45 -13.43 16.16 -17.49
C ALA C 45 -12.45 15.03 -17.65
N SER C 46 -11.69 14.69 -16.61
CA SER C 46 -10.71 13.63 -16.74
C SER C 46 -10.67 12.68 -15.54
N SER C 47 -11.68 12.70 -14.67
CA SER C 47 -11.72 11.75 -13.57
C SER C 47 -12.17 10.39 -14.07
N ALA C 48 -12.05 9.39 -13.20
CA ALA C 48 -12.54 8.06 -13.54
C ALA C 48 -14.04 8.06 -13.84
N LEU C 49 -14.77 9.05 -13.32
CA LEU C 49 -16.20 9.18 -13.59
C LEU C 49 -16.49 10.67 -13.67
N ALA C 50 -16.66 11.18 -14.89
CA ALA C 50 -16.65 12.62 -15.13
C ALA C 50 -17.97 13.08 -15.74
N PHE C 51 -18.11 14.40 -15.82
CA PHE C 51 -19.28 15.05 -16.39
C PHE C 51 -18.83 16.25 -17.21
N ASP C 52 -19.41 16.41 -18.40
CA ASP C 52 -18.91 17.40 -19.35
C ASP C 52 -19.91 18.51 -19.61
N THR C 53 -21.13 18.16 -20.00
CA THR C 53 -22.21 19.13 -20.22
C THR C 53 -21.93 20.09 -21.37
N SER C 54 -21.48 19.58 -22.51
CA SER C 54 -21.33 20.40 -23.71
C SER C 54 -21.09 19.49 -24.90
N ASP C 55 -21.32 20.03 -26.10
CA ASP C 55 -21.24 19.28 -27.34
C ASP C 55 -20.37 20.02 -28.34
N SER C 56 -19.55 19.27 -29.07
CA SER C 56 -18.60 19.89 -30.00
C SER C 56 -19.32 20.59 -31.14
N ASN C 57 -18.84 21.79 -31.48
CA ASN C 57 -19.37 22.59 -32.59
C ASN C 57 -20.88 22.74 -32.49
N GLY C 58 -21.44 22.49 -31.32
CA GLY C 58 -22.89 22.49 -31.15
C GLY C 58 -23.35 23.55 -30.18
N ASN C 59 -23.76 23.12 -28.99
CA ASN C 59 -24.31 24.02 -27.99
C ASN C 59 -23.99 23.45 -26.61
N GLN C 60 -24.19 24.28 -25.60
CA GLN C 60 -24.31 23.77 -24.24
C GLN C 60 -25.57 22.92 -24.17
N TYR C 61 -25.47 21.75 -23.54
CA TYR C 61 -26.64 20.88 -23.45
C TYR C 61 -27.77 21.60 -22.70
N SER C 62 -27.44 22.30 -21.62
CA SER C 62 -28.35 23.25 -21.00
C SER C 62 -27.59 23.98 -19.92
N ASP C 63 -27.95 25.25 -19.72
CA ASP C 63 -27.34 26.07 -18.69
C ASP C 63 -28.02 25.89 -17.33
N ALA C 64 -29.05 25.04 -17.25
CA ALA C 64 -29.60 24.68 -15.95
C ALA C 64 -28.53 24.11 -15.03
N SER C 65 -27.61 23.32 -15.58
CA SER C 65 -26.39 22.93 -14.90
C SER C 65 -25.21 23.52 -15.65
N SER C 66 -24.24 24.03 -14.90
CA SER C 66 -23.13 24.78 -15.46
C SER C 66 -21.85 23.97 -15.35
N ILE C 67 -20.85 24.36 -16.15
CA ILE C 67 -19.56 23.69 -16.09
C ILE C 67 -19.03 23.73 -14.66
N THR C 68 -18.53 22.60 -14.20
CA THR C 68 -18.03 22.48 -12.84
C THR C 68 -16.93 23.49 -12.54
N ASN C 69 -16.99 24.06 -11.34
CA ASN C 69 -15.93 24.91 -10.80
C ASN C 69 -14.88 24.10 -10.06
N GLY C 70 -14.78 22.80 -10.33
CA GLY C 70 -14.17 21.86 -9.43
C GLY C 70 -15.15 21.03 -8.65
N THR C 71 -16.45 21.26 -8.85
CA THR C 71 -17.50 20.44 -8.25
C THR C 71 -18.80 20.71 -8.99
N LEU C 72 -19.44 19.68 -9.50
CA LEU C 72 -20.64 19.87 -10.32
C LEU C 72 -21.78 20.44 -9.48
N GLU C 73 -22.51 21.37 -10.08
CA GLU C 73 -23.56 22.09 -9.37
C GLU C 73 -24.83 22.16 -10.22
N LEU C 74 -25.97 22.20 -9.55
CA LEU C 74 -27.28 22.32 -10.19
C LEU C 74 -27.91 23.63 -9.72
N ALA C 75 -28.42 24.41 -10.67
CA ALA C 75 -28.89 25.77 -10.40
C ALA C 75 -30.36 25.98 -10.75
N PHE C 76 -31.21 24.97 -10.56
CA PHE C 76 -32.62 25.11 -10.94
C PHE C 76 -33.34 26.14 -10.08
N ASP C 77 -32.90 26.33 -8.84
CA ASP C 77 -33.63 27.19 -7.91
C ASP C 77 -33.61 28.66 -8.31
N SER C 78 -32.80 29.05 -9.28
CA SER C 78 -32.77 30.43 -9.75
C SER C 78 -32.32 30.45 -11.21
N LEU C 79 -33.05 31.21 -12.02
CA LEU C 79 -32.77 31.29 -13.45
C LEU C 79 -32.66 32.73 -13.95
N GLY C 80 -33.38 33.66 -13.31
CA GLY C 80 -33.47 35.01 -13.80
C GLY C 80 -34.69 35.18 -14.71
N ASN C 81 -35.42 36.28 -14.52
CA ASN C 81 -36.73 36.47 -15.14
C ASN C 81 -37.72 35.39 -14.69
N SER C 82 -37.34 34.62 -13.68
CA SER C 82 -38.20 33.61 -13.07
C SER C 82 -37.54 33.15 -11.78
N SER C 83 -38.25 33.28 -10.65
CA SER C 83 -37.67 32.99 -9.34
C SER C 83 -37.77 31.49 -9.07
N GLY C 84 -37.06 30.72 -9.88
CA GLY C 84 -36.99 29.28 -9.68
C GLY C 84 -38.14 28.53 -10.35
N ILE C 85 -38.49 27.40 -9.74
CA ILE C 85 -39.50 26.51 -10.31
C ILE C 85 -40.85 27.18 -10.29
N ASN C 86 -41.71 26.82 -11.25
CA ASN C 86 -43.09 27.30 -11.27
C ASN C 86 -43.96 26.37 -10.42
N LEU C 87 -44.75 26.95 -9.55
CA LEU C 87 -45.50 26.17 -8.57
C LEU C 87 -46.67 25.44 -9.22
N GLY C 88 -47.10 24.37 -8.54
CA GLY C 88 -48.33 23.69 -8.90
C GLY C 88 -48.39 23.16 -10.31
N ALA C 89 -47.32 22.53 -10.77
CA ALA C 89 -47.30 21.94 -12.10
C ALA C 89 -46.04 21.09 -12.24
N LYS C 90 -45.84 20.54 -13.43
CA LYS C 90 -44.68 19.70 -13.72
C LYS C 90 -43.69 20.49 -14.56
N THR C 91 -42.44 20.54 -14.11
CA THR C 91 -41.35 21.18 -14.85
C THR C 91 -40.37 20.09 -15.27
N THR C 92 -40.17 19.95 -16.58
CA THR C 92 -39.29 18.94 -17.14
C THR C 92 -38.09 19.64 -17.77
N PHE C 93 -36.89 19.12 -17.51
CA PHE C 93 -35.67 19.71 -18.00
C PHE C 93 -35.03 18.85 -19.08
N SER C 94 -34.30 19.48 -19.97
CA SER C 94 -33.70 18.87 -21.15
C SER C 94 -32.57 17.94 -20.72
N PRO C 95 -31.92 17.21 -21.66
CA PRO C 95 -30.97 16.15 -21.28
C PRO C 95 -30.07 16.48 -20.09
N LEU C 96 -29.75 17.75 -19.89
CA LEU C 96 -28.91 18.15 -18.78
C LEU C 96 -27.53 17.50 -18.90
N PHE C 97 -26.82 17.36 -17.79
CA PHE C 97 -25.41 16.98 -17.84
C PHE C 97 -25.25 15.52 -18.26
N ARG C 98 -24.29 15.29 -19.15
CA ARG C 98 -23.89 13.94 -19.51
C ARG C 98 -22.91 13.39 -18.47
N THR C 99 -22.56 12.11 -18.64
CA THR C 99 -21.63 11.45 -17.72
C THR C 99 -20.61 10.66 -18.52
N ILE C 100 -19.43 10.48 -17.92
CA ILE C 100 -18.33 9.75 -18.53
C ILE C 100 -17.80 8.75 -17.50
N ASN C 101 -17.49 7.55 -17.98
CA ASN C 101 -16.90 6.50 -17.15
C ASN C 101 -15.66 5.95 -17.83
N ASN C 102 -14.59 5.79 -17.05
CA ASN C 102 -13.35 5.20 -17.55
C ASN C 102 -12.73 4.20 -16.58
N GLY C 103 -13.48 3.74 -15.57
CA GLY C 103 -12.94 2.79 -14.63
C GLY C 103 -12.74 1.42 -15.26
N SER C 104 -12.06 0.57 -14.51
CA SER C 104 -11.68 -0.76 -14.99
C SER C 104 -12.85 -1.74 -15.09
N ASN C 105 -14.10 -1.35 -14.89
CA ASN C 105 -15.21 -2.29 -14.89
C ASN C 105 -16.46 -1.62 -15.44
N ASN C 106 -17.38 -2.43 -15.95
CA ASN C 106 -18.72 -1.96 -16.22
C ASN C 106 -19.38 -1.53 -14.92
N VAL C 107 -20.16 -0.46 -14.99
CA VAL C 107 -20.70 0.16 -13.78
C VAL C 107 -22.19 0.40 -13.96
N ASN C 108 -22.90 0.45 -12.82
CA ASN C 108 -24.33 0.74 -12.79
C ASN C 108 -24.51 2.13 -12.19
N LEU C 109 -24.49 3.14 -13.06
CA LEU C 109 -24.61 4.52 -12.61
C LEU C 109 -25.98 4.76 -11.99
N SER C 110 -26.00 5.43 -10.84
CA SER C 110 -27.25 5.65 -10.13
C SER C 110 -27.10 6.86 -9.21
N ILE C 111 -28.24 7.44 -8.83
CA ILE C 111 -28.29 8.65 -8.01
C ILE C 111 -29.27 8.40 -6.86
N TYR C 112 -28.78 8.50 -5.61
CA TYR C 112 -29.62 8.21 -4.46
C TYR C 112 -29.79 9.37 -3.49
N SER C 113 -29.18 10.52 -3.75
CA SER C 113 -29.56 11.78 -3.10
C SER C 113 -29.65 11.64 -1.58
N SER C 114 -28.49 11.46 -0.96
CA SER C 114 -28.44 11.18 0.48
C SER C 114 -29.28 12.16 1.30
N GLU C 115 -29.22 13.45 0.98
CA GLU C 115 -29.93 14.43 1.78
C GLU C 115 -31.44 14.21 1.77
N GLY C 116 -32.00 13.84 0.62
CA GLY C 116 -33.43 13.61 0.52
C GLY C 116 -33.82 12.23 1.00
N THR C 117 -35.01 11.82 0.60
CA THR C 117 -35.57 10.52 0.97
C THR C 117 -36.05 9.80 -0.28
N ILE C 118 -35.79 8.49 -0.34
CA ILE C 118 -36.22 7.69 -1.47
C ILE C 118 -37.72 7.41 -1.35
N GLN C 119 -38.43 7.58 -2.46
CA GLN C 119 -39.86 7.32 -2.51
C GLN C 119 -40.18 6.51 -3.76
N THR C 120 -41.18 5.63 -3.63
CA THR C 120 -41.63 4.77 -4.73
C THR C 120 -43.13 4.96 -4.91
N SER C 121 -43.62 4.72 -6.12
CA SER C 121 -45.02 4.97 -6.44
C SER C 121 -45.30 6.46 -6.23
N PRO C 122 -44.81 7.33 -7.11
CA PRO C 122 -44.81 8.76 -6.82
C PRO C 122 -46.20 9.31 -6.59
N THR C 123 -46.26 10.36 -5.75
CA THR C 123 -47.52 11.01 -5.40
C THR C 123 -47.86 12.17 -6.34
N ILE C 124 -46.86 12.86 -6.89
CA ILE C 124 -47.08 13.95 -7.83
C ILE C 124 -46.66 13.57 -9.25
N LEU C 125 -45.45 13.04 -9.41
CA LEU C 125 -44.98 12.56 -10.70
C LEU C 125 -45.33 11.08 -10.86
N ASP C 126 -46.62 10.77 -10.85
CA ASP C 126 -47.14 9.41 -10.70
C ASP C 126 -46.81 8.49 -11.88
N SER C 127 -46.05 8.89 -12.91
CA SER C 127 -45.77 7.98 -14.00
C SER C 127 -44.55 7.11 -13.70
N TYR C 128 -43.43 7.73 -13.35
CA TYR C 128 -42.19 7.00 -13.18
C TYR C 128 -42.24 6.11 -11.95
N ASN C 129 -41.35 5.12 -11.92
CA ASN C 129 -41.40 4.08 -10.90
C ASN C 129 -41.02 4.63 -9.52
N ALA C 130 -39.90 5.35 -9.44
CA ALA C 130 -39.38 5.79 -8.15
C ALA C 130 -38.75 7.16 -8.32
N VAL C 131 -38.64 7.87 -7.20
CA VAL C 131 -38.27 9.28 -7.20
C VAL C 131 -37.45 9.64 -5.97
N ILE C 132 -36.96 10.88 -5.93
CA ILE C 132 -36.38 11.48 -4.73
C ILE C 132 -37.40 12.48 -4.19
N GLU C 133 -37.76 12.34 -2.92
CA GLU C 133 -38.82 13.14 -2.33
C GLU C 133 -38.25 14.17 -1.36
N ASN C 134 -38.86 15.36 -1.37
CA ASN C 134 -38.51 16.42 -0.45
C ASN C 134 -39.77 17.20 -0.11
N THR C 135 -39.83 17.72 1.11
CA THR C 135 -41.01 18.44 1.57
C THR C 135 -40.58 19.47 2.61
N ILE C 136 -41.25 20.62 2.61
CA ILE C 136 -40.91 21.73 3.48
C ILE C 136 -42.17 22.55 3.74
N ASN C 137 -42.08 23.51 4.66
CA ASN C 137 -43.23 24.27 5.11
C ASN C 137 -42.88 25.75 5.19
N ASP C 138 -43.91 26.58 5.32
CA ASP C 138 -43.75 28.03 5.28
C ASP C 138 -43.18 28.57 6.59
N GLY C 139 -43.79 28.18 7.72
CA GLY C 139 -43.46 28.73 9.02
C GLY C 139 -44.67 29.32 9.73
N ASN C 140 -45.55 29.99 8.99
CA ASN C 140 -46.93 30.18 9.37
C ASN C 140 -47.82 29.43 8.38
N GLY C 141 -47.26 28.34 7.88
CA GLY C 141 -47.92 27.49 6.91
C GLY C 141 -47.15 26.20 6.82
N ASN C 142 -47.81 25.18 6.29
CA ASN C 142 -47.42 23.79 6.49
C ASN C 142 -47.23 23.12 5.12
N SER C 143 -47.18 21.79 5.06
CA SER C 143 -46.45 21.05 4.03
C SER C 143 -46.59 21.65 2.64
N LEU C 144 -45.46 21.75 1.95
CA LEU C 144 -45.38 21.86 0.50
C LEU C 144 -44.58 20.67 -0.02
N THR C 145 -45.13 19.95 -0.98
CA THR C 145 -44.57 18.68 -1.44
C THR C 145 -43.93 18.88 -2.81
N ILE C 146 -42.72 18.33 -2.98
CA ILE C 146 -41.97 18.41 -4.22
C ILE C 146 -41.36 17.05 -4.50
N GLU C 147 -41.07 16.77 -5.77
CA GLU C 147 -40.58 15.46 -6.18
C GLU C 147 -39.59 15.62 -7.33
N TYR C 148 -38.61 14.72 -7.39
CA TYR C 148 -37.56 14.75 -8.41
C TYR C 148 -37.41 13.39 -9.05
N ALA C 149 -36.98 13.37 -10.31
CA ALA C 149 -36.69 12.13 -11.01
C ALA C 149 -35.72 12.40 -12.15
N PHE C 150 -34.73 11.52 -12.30
CA PHE C 150 -33.74 11.62 -13.37
C PHE C 150 -34.03 10.50 -14.36
N THR C 151 -34.30 10.89 -15.62
CA THR C 151 -34.97 10.03 -16.58
C THR C 151 -34.03 9.33 -17.56
N ASP C 152 -32.81 9.84 -17.76
CA ASP C 152 -31.82 9.16 -18.58
C ASP C 152 -32.31 8.90 -20.01
N GLU C 153 -32.14 7.67 -20.51
CA GLU C 153 -32.24 7.39 -21.94
C GLU C 153 -33.66 7.15 -22.41
N ASN C 154 -34.35 6.15 -21.85
CA ASN C 154 -35.70 5.80 -22.25
C ASN C 154 -36.70 6.24 -21.19
N ASP C 155 -36.45 7.39 -20.58
CA ASP C 155 -37.27 7.93 -19.50
C ASP C 155 -37.19 7.09 -18.23
N ASN C 156 -36.13 6.29 -18.09
CA ASN C 156 -35.96 5.47 -16.91
C ASN C 156 -35.53 6.33 -15.73
N SER C 157 -36.24 6.21 -14.62
CA SER C 157 -35.96 7.02 -13.43
C SER C 157 -34.75 6.43 -12.72
N ILE C 158 -33.58 7.05 -12.92
CA ILE C 158 -32.37 6.61 -12.25
C ILE C 158 -32.37 7.21 -10.84
N VAL C 159 -32.72 6.40 -9.85
CA VAL C 159 -32.93 6.90 -8.50
C VAL C 159 -32.09 6.13 -7.48
N GLY C 160 -30.93 5.65 -7.90
CA GLY C 160 -29.91 5.22 -6.98
C GLY C 160 -29.96 3.74 -6.63
N ASP C 161 -29.25 3.40 -5.56
CA ASP C 161 -29.21 2.05 -5.02
C ASP C 161 -29.85 2.06 -3.64
N GLY C 162 -30.87 1.23 -3.46
CA GLY C 162 -31.54 1.11 -2.18
C GLY C 162 -32.02 -0.30 -1.94
N THR C 163 -33.25 -0.47 -1.45
CA THR C 163 -33.83 -1.80 -1.40
C THR C 163 -33.92 -2.40 -2.81
N ASN C 164 -34.34 -1.60 -3.77
CA ASN C 164 -34.24 -1.92 -5.19
C ASN C 164 -33.54 -0.83 -5.99
N GLY C 165 -33.79 0.44 -5.65
CA GLY C 165 -33.15 1.51 -6.36
C GLY C 165 -33.46 1.47 -7.85
N SER C 166 -32.55 2.02 -8.63
CA SER C 166 -32.64 1.97 -10.08
C SER C 166 -31.33 2.43 -10.69
N SER C 167 -30.86 1.74 -11.72
CA SER C 167 -29.54 2.02 -12.28
C SER C 167 -29.55 1.72 -13.77
N VAL C 168 -28.49 2.15 -14.45
CA VAL C 168 -28.31 1.93 -15.88
C VAL C 168 -26.91 1.39 -16.09
N SER C 169 -26.75 0.61 -17.16
CA SER C 169 -25.48 -0.06 -17.46
C SER C 169 -24.52 0.90 -18.16
N LEU C 170 -23.23 0.60 -18.05
CA LEU C 170 -22.18 1.45 -18.60
C LEU C 170 -21.00 0.59 -19.05
N ASP C 171 -20.14 1.20 -19.86
CA ASP C 171 -18.95 0.54 -20.37
C ASP C 171 -17.73 0.85 -19.50
N ALA C 172 -16.76 -0.05 -19.52
CA ALA C 172 -15.57 0.07 -18.68
C ALA C 172 -14.55 0.96 -19.37
N THR C 173 -13.32 0.97 -18.86
CA THR C 173 -12.22 1.71 -19.46
C THR C 173 -12.16 1.44 -20.96
N GLY C 174 -12.31 2.50 -21.75
CA GLY C 174 -12.35 2.33 -23.19
C GLY C 174 -13.71 1.84 -23.64
N GLY C 175 -13.81 0.56 -23.99
CA GLY C 175 -15.06 0.04 -24.48
C GLY C 175 -15.39 0.70 -25.80
N SER C 176 -16.68 0.89 -26.07
CA SER C 176 -17.08 1.56 -27.29
C SER C 176 -18.07 2.70 -27.07
N ASP C 177 -19.05 2.49 -26.20
CA ASP C 177 -20.22 3.38 -26.12
C ASP C 177 -20.68 3.59 -24.69
N PRO C 178 -20.24 4.67 -24.04
CA PRO C 178 -21.05 5.23 -22.96
C PRO C 178 -22.36 5.76 -23.52
N ASN C 179 -23.43 5.69 -22.72
CA ASN C 179 -24.77 5.98 -23.22
C ASN C 179 -25.57 6.84 -22.25
N GLU C 180 -24.96 7.86 -21.65
CA GLU C 180 -25.58 8.59 -20.55
C GLU C 180 -25.75 10.06 -20.91
N GLU C 181 -26.99 10.53 -20.90
CA GLU C 181 -27.35 11.95 -20.88
C GLU C 181 -28.54 12.04 -19.94
N VAL C 182 -28.25 12.27 -18.66
CA VAL C 182 -29.24 12.07 -17.60
C VAL C 182 -30.18 13.28 -17.52
N SER C 183 -31.39 13.12 -18.07
CA SER C 183 -32.38 14.19 -17.99
C SER C 183 -33.01 14.22 -16.61
N LEU C 184 -33.85 15.23 -16.38
CA LEU C 184 -34.43 15.49 -15.07
C LEU C 184 -35.86 15.98 -15.21
N VAL C 185 -36.67 15.72 -14.19
CA VAL C 185 -38.03 16.23 -14.09
C VAL C 185 -38.24 16.73 -12.66
N ILE C 186 -38.92 17.86 -12.53
CA ILE C 186 -39.23 18.45 -11.23
C ILE C 186 -40.75 18.53 -11.10
N GLY C 187 -41.27 17.94 -10.04
CA GLY C 187 -42.70 17.97 -9.75
C GLY C 187 -42.97 18.65 -8.42
N VAL C 188 -43.96 19.54 -8.40
CA VAL C 188 -44.33 20.29 -7.21
C VAL C 188 -45.84 20.26 -7.07
N ALA C 189 -46.31 20.05 -5.83
CA ALA C 189 -47.73 19.99 -5.56
C ALA C 189 -48.36 21.37 -5.75
N ASP C 190 -49.69 21.41 -5.58
CA ASP C 190 -50.46 22.65 -5.75
C ASP C 190 -51.44 22.86 -4.60
N PRO C 191 -50.94 23.13 -3.39
CA PRO C 191 -51.85 23.40 -2.27
C PRO C 191 -52.53 24.75 -2.43
N GLY C 192 -53.87 24.72 -2.46
CA GLY C 192 -54.64 25.95 -2.51
C GLY C 192 -54.77 26.65 -1.17
N SER C 193 -54.40 25.98 -0.08
CA SER C 193 -54.39 26.57 1.24
C SER C 193 -53.39 25.79 2.08
N SER C 194 -53.27 26.20 3.34
CA SER C 194 -52.27 25.68 4.26
C SER C 194 -50.84 25.94 3.78
N PHE C 195 -50.67 26.77 2.75
CA PHE C 195 -49.37 27.13 2.21
C PHE C 195 -49.49 28.45 1.45
N ASP C 196 -48.38 29.16 1.35
CA ASP C 196 -48.32 30.38 0.56
C ASP C 196 -46.99 30.44 -0.17
N PRO C 197 -46.94 31.11 -1.32
CA PRO C 197 -45.67 31.36 -1.97
C PRO C 197 -44.89 32.60 -1.49
N SER C 198 -45.29 33.24 -0.39
CA SER C 198 -44.59 34.41 0.13
C SER C 198 -43.65 34.04 1.28
N THR C 199 -42.73 34.96 1.58
CA THR C 199 -41.92 34.88 2.79
C THR C 199 -41.11 33.59 2.84
N THR C 200 -40.75 33.14 4.04
CA THR C 200 -39.71 32.14 4.20
C THR C 200 -40.13 30.78 3.63
N ILE C 201 -39.19 30.11 2.99
CA ILE C 201 -39.28 28.70 2.64
C ILE C 201 -37.97 28.05 3.06
N SER C 202 -38.05 27.04 3.92
CA SER C 202 -36.84 26.42 4.46
C SER C 202 -36.06 25.73 3.35
N GLY C 203 -34.80 25.41 3.67
CA GLY C 203 -33.85 24.92 2.67
C GLY C 203 -34.31 23.73 1.86
N TYR C 204 -33.97 23.74 0.57
CA TYR C 204 -34.28 22.63 -0.32
C TYR C 204 -33.15 21.60 -0.27
N LEU C 205 -33.18 20.64 -1.20
CA LEU C 205 -32.20 19.57 -1.22
C LEU C 205 -30.83 20.07 -1.67
N SER C 206 -29.79 19.41 -1.19
CA SER C 206 -28.43 19.54 -1.70
C SER C 206 -27.76 18.17 -1.64
N GLU C 207 -26.55 18.09 -2.19
CA GLU C 207 -25.74 16.87 -2.11
C GLU C 207 -26.47 15.70 -2.77
N VAL C 208 -26.64 15.79 -4.09
CA VAL C 208 -27.21 14.69 -4.86
C VAL C 208 -26.09 13.70 -5.19
N THR C 209 -25.90 12.71 -4.33
CA THR C 209 -24.77 11.81 -4.46
C THR C 209 -24.92 10.93 -5.71
N ILE C 210 -23.79 10.47 -6.23
CA ILE C 210 -23.72 9.66 -7.44
C ILE C 210 -22.97 8.38 -7.12
N VAL C 211 -23.46 7.26 -7.64
CA VAL C 211 -22.84 5.95 -7.44
C VAL C 211 -22.70 5.26 -8.78
N ALA C 212 -21.53 4.67 -9.01
CA ALA C 212 -21.23 3.95 -10.24
C ALA C 212 -20.56 2.62 -9.88
N SER C 213 -21.16 1.90 -8.93
CA SER C 213 -20.54 0.70 -8.38
C SER C 213 -20.45 -0.39 -9.45
N SER C 214 -19.86 -1.52 -9.07
CA SER C 214 -19.63 -2.61 -10.00
C SER C 214 -20.81 -3.57 -10.02
N VAL C 215 -20.92 -4.33 -11.12
CA VAL C 215 -21.92 -5.38 -11.24
C VAL C 215 -21.30 -6.59 -11.93
#